data_7M2D
#
_entry.id   7M2D
#
_cell.length_a   115.110
_cell.length_b   115.110
_cell.length_c   309.020
_cell.angle_alpha   90.00
_cell.angle_beta   90.00
_cell.angle_gamma   120.00
#
_symmetry.space_group_name_H-M   'H 3 2'
#
loop_
_entity.id
_entity.type
_entity.pdbx_description
1 polymer GP1
2 polymer GP2
3 branched alpha-D-mannopyranose-(1-6)-beta-D-mannopyranose-(1-4)-2-acetamido-2-deoxy-beta-D-glucopyranose-(1-4)-2-acetamido-2-deoxy-beta-D-glucopyranose
4 non-polymer 2-acetamido-2-deoxy-beta-D-glucopyranose
5 non-polymer (1R,3S,5R,7R)-N-[(1r,4R)-4-aminocyclohexyl]-3-(ethoxymethyl)-5-phenyladamantane-1-carboxamide
6 water water
#
loop_
_entity_poly.entity_id
_entity_poly.type
_entity_poly.pdbx_seq_one_letter_code
_entity_poly.pdbx_strand_id
1 'polypeptide(L)'
;ETGRSIPLGVIHNSALQVSDVDKLVCRDKLSSTNQLRSVGLNLEGNGVATDVPSATKRWGFRSGVPPKVVNYEAGEWAEN
CYNLEIKKPDGSECLPAAPDGIRGFPRCRYVHKVSGTGPCAGDFAFHKEGAFFLYDRLASTVIYRGTTFAEGVVAFLILP
QAKKDFFSSHPLREPVNATEDPSSGYYSTTIRYQATGFGTNETEYLFEVDNLTYVQLESRFTPQFLLQLNETIYTSGKRS
NTTGKLIWKVNPEIDTTIGEWAFWETKKNLTRKIRSEELSFTVVS(UNK)(UNK)(UNK)(UNK)(UNK)
;
A
2 'polypeptide(L)'
;EAIVNAQPKCNPNLHYWTTQDEGAAIGLAWIPYFGPAAEGIYIEGLMHNQDGLICGLRQLANETTQALQLFLRATTELRT
FSILNRKAIDFLLQRWGGTCHILGPDCCIEPADWTKNITDKIDQIIHDFVDGSGYIPEAPRDGQAYVRKDGEWVLLSTFL
GTHHHHHH
;
B
#
# COMPACT_ATOMS: atom_id res chain seq x y z
N ARG A 4 11.55 18.22 -8.52
CA ARG A 4 11.24 18.99 -7.33
C ARG A 4 11.04 18.07 -6.11
N SER A 5 10.48 18.64 -5.04
CA SER A 5 10.38 17.97 -3.76
C SER A 5 9.12 17.11 -3.69
N ILE A 6 8.92 16.48 -2.53
CA ILE A 6 7.82 15.54 -2.34
C ILE A 6 6.49 16.28 -2.29
N PRO A 7 5.55 15.97 -3.17
CA PRO A 7 4.28 16.71 -3.20
C PRO A 7 3.47 16.49 -1.95
N LEU A 8 2.67 17.51 -1.61
CA LEU A 8 1.82 17.51 -0.44
C LEU A 8 0.41 17.86 -0.87
N GLY A 9 -0.55 17.00 -0.55
CA GLY A 9 -1.93 17.19 -0.98
C GLY A 9 -2.71 18.07 -0.02
N VAL A 10 -3.58 18.91 -0.59
CA VAL A 10 -4.38 19.87 0.17
C VAL A 10 -5.69 20.09 -0.58
N ILE A 11 -6.73 20.48 0.15
CA ILE A 11 -8.07 20.67 -0.42
C ILE A 11 -8.33 22.16 -0.63
N HIS A 12 -8.50 22.55 -1.89
CA HIS A 12 -8.84 23.91 -2.29
C HIS A 12 -9.97 23.86 -3.32
N ASN A 13 -11.01 24.66 -3.11
CA ASN A 13 -12.11 24.78 -4.08
C ASN A 13 -12.82 23.45 -4.31
N SER A 14 -13.04 22.70 -3.24
CA SER A 14 -13.77 21.42 -3.29
C SER A 14 -13.07 20.41 -4.20
N ALA A 15 -11.73 20.45 -4.19
CA ALA A 15 -10.94 19.53 -5.00
C ALA A 15 -9.58 19.36 -4.35
N LEU A 16 -8.97 18.20 -4.57
CA LEU A 16 -7.63 17.96 -4.06
C LEU A 16 -6.61 18.52 -5.04
N GLN A 17 -5.53 19.09 -4.50
CA GLN A 17 -4.46 19.62 -5.33
C GLN A 17 -3.13 19.45 -4.63
N VAL A 18 -2.06 19.57 -5.42
CA VAL A 18 -0.70 19.61 -4.90
C VAL A 18 -0.37 21.04 -4.49
N SER A 19 0.22 21.20 -3.31
CA SER A 19 0.57 22.54 -2.83
C SER A 19 1.78 23.05 -3.59
N ASP A 20 1.69 24.28 -4.10
CA ASP A 20 2.81 24.91 -4.80
C ASP A 20 3.79 25.46 -3.76
N VAL A 21 5.01 24.93 -3.77
CA VAL A 21 6.03 25.38 -2.81
C VAL A 21 6.45 26.81 -3.12
N ASP A 22 6.54 27.15 -4.41
CA ASP A 22 7.03 28.47 -4.82
C ASP A 22 6.08 29.60 -4.41
N LYS A 23 4.81 29.31 -4.18
CA LYS A 23 3.84 30.30 -3.75
C LYS A 23 3.40 30.01 -2.31
N LEU A 24 3.01 31.07 -1.62
CA LEU A 24 2.66 31.01 -0.20
C LEU A 24 1.20 31.44 -0.02
N VAL A 25 0.42 30.59 0.66
CA VAL A 25 -0.99 30.84 0.91
C VAL A 25 -1.18 31.03 2.41
N CYS A 26 -1.39 32.28 2.84
CA CYS A 26 -1.58 32.54 4.26
C CYS A 26 -2.92 32.06 4.77
N ARG A 27 -3.91 31.90 3.88
CA ARG A 27 -5.18 31.32 4.30
C ARG A 27 -5.03 29.85 4.70
N ASP A 28 -3.99 29.18 4.22
CA ASP A 28 -3.70 27.82 4.69
C ASP A 28 -3.29 27.84 6.15
N LYS A 29 -3.97 27.05 6.98
CA LYS A 29 -3.70 26.98 8.41
C LYS A 29 -3.27 25.58 8.79
N LEU A 30 -2.11 25.46 9.44
CA LEU A 30 -1.60 24.20 9.98
C LEU A 30 -1.39 24.41 11.50
N SER A 31 -2.27 23.85 12.32
CA SER A 31 -2.25 24.16 13.75
C SER A 31 -1.54 23.12 14.60
N SER A 32 -1.37 21.89 14.09
CA SER A 32 -0.60 20.88 14.79
C SER A 32 -0.13 19.84 13.79
N THR A 33 0.87 19.07 14.19
CA THR A 33 1.35 17.98 13.35
C THR A 33 0.29 16.91 13.14
N ASN A 34 -0.77 16.89 13.94
CA ASN A 34 -1.87 15.96 13.72
C ASN A 34 -2.62 16.24 12.43
N GLN A 35 -2.50 17.45 11.87
CA GLN A 35 -3.14 17.78 10.62
C GLN A 35 -2.43 17.20 9.41
N LEU A 36 -1.23 16.66 9.58
CA LEU A 36 -0.50 16.02 8.50
C LEU A 36 -0.65 14.52 8.60
N ARG A 37 -0.90 13.86 7.47
CA ARG A 37 -1.02 12.41 7.44
C ARG A 37 -0.32 11.85 6.22
N SER A 38 0.26 10.68 6.41
CA SER A 38 0.74 9.85 5.30
C SER A 38 -0.23 8.69 5.13
N VAL A 39 -0.65 8.45 3.90
CA VAL A 39 -1.61 7.40 3.59
C VAL A 39 -1.04 6.53 2.50
N GLY A 40 -1.53 5.29 2.44
CA GLY A 40 -1.12 4.38 1.39
C GLY A 40 -2.30 3.85 0.62
N LEU A 41 -2.22 3.88 -0.71
CA LEU A 41 -3.31 3.46 -1.57
C LEU A 41 -2.90 2.27 -2.43
N ASN A 42 -3.84 1.36 -2.66
CA ASN A 42 -3.54 0.06 -3.28
C ASN A 42 -3.63 0.12 -4.79
N LEU A 43 -2.66 -0.51 -5.46
CA LEU A 43 -2.68 -0.56 -6.93
C LEU A 43 -3.98 -1.17 -7.45
N GLU A 44 -4.49 -2.21 -6.77
CA GLU A 44 -5.85 -2.71 -6.94
C GLU A 44 -6.84 -1.63 -7.36
N GLY A 45 -6.83 -0.50 -6.63
CA GLY A 45 -7.79 0.57 -6.82
C GLY A 45 -7.63 1.33 -8.12
N ASN A 46 -6.54 1.09 -8.86
CA ASN A 46 -6.33 1.70 -10.16
C ASN A 46 -6.63 0.75 -11.31
N GLY A 47 -7.03 -0.49 -11.02
CA GLY A 47 -7.43 -1.43 -12.05
C GLY A 47 -6.39 -2.43 -12.48
N VAL A 48 -5.29 -2.58 -11.73
CA VAL A 48 -4.25 -3.51 -12.17
C VAL A 48 -4.74 -4.95 -11.99
N ALA A 49 -4.32 -5.82 -12.91
CA ALA A 49 -4.62 -7.23 -12.79
C ALA A 49 -3.99 -7.78 -11.51
N THR A 50 -4.78 -8.55 -10.75
CA THR A 50 -4.35 -9.02 -9.44
C THR A 50 -4.15 -10.53 -9.37
N ASP A 51 -4.50 -11.26 -10.41
CA ASP A 51 -4.18 -12.68 -10.49
C ASP A 51 -2.67 -12.88 -10.33
N VAL A 52 -2.30 -14.02 -9.73
CA VAL A 52 -0.89 -14.25 -9.37
C VAL A 52 0.02 -14.21 -10.59
N PRO A 53 -0.30 -14.83 -11.73
CA PRO A 53 0.59 -14.72 -12.90
C PRO A 53 0.85 -13.27 -13.31
N SER A 54 -0.17 -12.42 -13.28
CA SER A 54 0.00 -11.04 -13.70
C SER A 54 0.77 -10.23 -12.68
N ALA A 55 0.46 -10.42 -11.38
CA ALA A 55 1.07 -9.62 -10.34
C ALA A 55 2.56 -9.90 -10.20
N THR A 56 2.96 -11.18 -10.27
CA THR A 56 4.36 -11.53 -10.09
C THR A 56 5.22 -11.03 -11.23
N LYS A 57 4.64 -10.83 -12.42
CA LYS A 57 5.42 -10.29 -13.53
C LYS A 57 5.84 -8.84 -13.30
N ARG A 58 5.30 -8.17 -12.28
CA ARG A 58 5.68 -6.81 -11.93
C ARG A 58 6.85 -6.72 -10.96
N TRP A 59 7.38 -7.85 -10.48
CA TRP A 59 8.46 -7.86 -9.50
C TRP A 59 9.71 -8.48 -10.12
N GLY A 60 10.88 -8.02 -9.69
CA GLY A 60 12.12 -8.50 -10.27
C GLY A 60 13.27 -8.38 -9.30
N PHE A 61 14.29 -9.19 -9.51
CA PHE A 61 15.47 -9.22 -8.65
C PHE A 61 16.59 -8.33 -9.19
N ARG A 62 17.27 -7.64 -8.26
CA ARG A 62 18.27 -6.63 -8.59
C ARG A 62 19.30 -6.58 -7.47
N SER A 63 20.57 -6.42 -7.83
CA SER A 63 21.64 -6.22 -6.86
C SER A 63 22.18 -4.79 -6.94
N GLY A 64 22.85 -4.38 -5.87
CA GLY A 64 23.51 -3.09 -5.83
C GLY A 64 22.66 -1.95 -5.32
N VAL A 65 21.40 -2.19 -5.02
CA VAL A 65 20.48 -1.15 -4.57
C VAL A 65 20.03 -1.45 -3.13
N PRO A 66 20.45 -0.67 -2.15
CA PRO A 66 20.04 -0.93 -0.75
C PRO A 66 18.55 -0.74 -0.57
N PRO A 67 17.89 -1.62 0.19
CA PRO A 67 16.46 -1.44 0.45
C PRO A 67 16.20 -0.19 1.28
N LYS A 68 14.98 0.32 1.16
CA LYS A 68 14.56 1.54 1.84
C LYS A 68 13.12 1.37 2.31
N VAL A 69 12.83 1.89 3.51
CA VAL A 69 11.53 1.78 4.15
C VAL A 69 11.06 3.17 4.58
N VAL A 70 9.77 3.45 4.35
CA VAL A 70 9.14 4.69 4.78
C VAL A 70 7.85 4.31 5.50
N ASN A 71 7.48 5.09 6.52
CA ASN A 71 6.27 4.73 7.25
C ASN A 71 5.07 5.45 6.65
N TYR A 72 3.88 4.88 6.88
CA TYR A 72 2.62 5.50 6.51
C TYR A 72 1.59 5.16 7.58
N GLU A 73 0.66 6.09 7.83
CA GLU A 73 -0.18 6.04 9.02
C GLU A 73 -1.53 5.38 8.80
N ALA A 74 -2.00 5.29 7.56
CA ALA A 74 -3.34 4.78 7.28
C ALA A 74 -3.33 4.11 5.92
N GLY A 75 -4.15 3.07 5.78
CA GLY A 75 -4.13 2.25 4.59
C GLY A 75 -5.53 1.84 4.16
N GLU A 76 -5.58 1.14 3.04
CA GLU A 76 -6.82 0.70 2.42
C GLU A 76 -6.99 -0.80 2.61
N TRP A 77 -8.23 -1.24 2.89
CA TRP A 77 -8.52 -2.67 2.90
C TRP A 77 -8.29 -3.25 1.52
N ALA A 78 -7.42 -4.25 1.44
CA ALA A 78 -7.08 -4.86 0.17
C ALA A 78 -7.95 -6.09 -0.09
N GLU A 79 -8.25 -6.31 -1.37
CA GLU A 79 -8.87 -7.57 -1.77
C GLU A 79 -7.81 -8.65 -1.96
N ASN A 80 -6.64 -8.28 -2.50
CA ASN A 80 -5.58 -9.22 -2.82
C ASN A 80 -4.28 -8.77 -2.16
N CYS A 81 -3.66 -9.68 -1.41
CA CYS A 81 -2.31 -9.53 -0.92
C CYS A 81 -1.50 -10.76 -1.33
N TYR A 82 -0.19 -10.68 -1.13
CA TYR A 82 0.69 -11.77 -1.56
C TYR A 82 1.69 -12.06 -0.45
N ASN A 83 2.20 -13.29 -0.47
CA ASN A 83 3.10 -13.81 0.56
C ASN A 83 3.96 -14.88 -0.11
N LEU A 84 5.27 -14.64 -0.18
CA LEU A 84 6.15 -15.44 -1.03
C LEU A 84 7.14 -16.24 -0.20
N GLU A 85 7.31 -17.50 -0.58
CA GLU A 85 8.36 -18.39 -0.05
C GLU A 85 9.04 -19.00 -1.27
N ILE A 86 10.07 -18.32 -1.77
CA ILE A 86 10.74 -18.70 -3.00
C ILE A 86 12.17 -19.10 -2.66
N LYS A 87 12.57 -20.29 -3.09
CA LYS A 87 13.93 -20.77 -2.94
C LYS A 87 14.56 -20.95 -4.32
N LYS A 88 15.89 -20.94 -4.37
CA LYS A 88 16.57 -21.33 -5.58
C LYS A 88 16.46 -22.85 -5.72
N PRO A 89 16.75 -23.41 -6.90
CA PRO A 89 16.72 -24.87 -7.02
C PRO A 89 17.63 -25.59 -6.05
N ASP A 90 18.69 -24.93 -5.56
CA ASP A 90 19.59 -25.54 -4.57
C ASP A 90 19.05 -25.45 -3.14
N GLY A 91 17.91 -24.82 -2.91
CA GLY A 91 17.31 -24.76 -1.59
C GLY A 91 17.68 -23.55 -0.75
N SER A 92 18.46 -22.62 -1.29
CA SER A 92 18.78 -21.40 -0.55
C SER A 92 17.69 -20.35 -0.74
N GLU A 93 17.45 -19.56 0.31
CA GLU A 93 16.35 -18.61 0.32
C GLU A 93 16.60 -17.48 -0.67
N CYS A 94 15.54 -17.04 -1.33
CA CYS A 94 15.63 -15.95 -2.30
C CYS A 94 15.29 -14.59 -1.71
N LEU A 95 14.49 -14.56 -0.66
CA LEU A 95 14.03 -13.35 -0.04
C LEU A 95 14.53 -13.26 1.40
N PRO A 96 14.79 -12.05 1.91
CA PRO A 96 15.32 -11.93 3.26
C PRO A 96 14.24 -12.03 4.33
N ALA A 97 14.66 -12.44 5.52
CA ALA A 97 13.74 -12.49 6.65
C ALA A 97 13.22 -11.10 6.97
N ALA A 98 11.95 -11.02 7.33
CA ALA A 98 11.35 -9.74 7.68
C ALA A 98 12.16 -9.09 8.80
N PRO A 99 12.61 -7.84 8.62
CA PRO A 99 13.33 -7.16 9.70
C PRO A 99 12.42 -6.99 10.92
N ASP A 100 13.05 -6.75 12.07
CA ASP A 100 12.30 -6.55 13.31
C ASP A 100 11.34 -5.38 13.16
N GLY A 101 10.06 -5.61 13.49
CA GLY A 101 9.05 -4.58 13.46
C GLY A 101 8.27 -4.47 12.17
N ILE A 102 8.56 -5.28 11.16
CA ILE A 102 7.81 -5.27 9.90
C ILE A 102 6.88 -6.48 9.92
N ARG A 103 5.61 -6.24 10.17
CA ARG A 103 4.57 -7.25 10.11
C ARG A 103 3.80 -7.11 8.80
N GLY A 104 2.94 -8.09 8.53
CA GLY A 104 2.21 -8.11 7.27
C GLY A 104 1.14 -7.04 7.18
N PHE A 105 0.73 -6.78 5.94
CA PHE A 105 -0.36 -5.86 5.67
C PHE A 105 -1.60 -6.27 6.46
N PRO A 106 -2.26 -5.35 7.16
CA PRO A 106 -3.21 -5.77 8.20
C PRO A 106 -4.60 -6.17 7.72
N ARG A 107 -5.03 -5.82 6.52
CA ARG A 107 -6.39 -6.13 6.05
C ARG A 107 -6.33 -6.70 4.64
N CYS A 108 -6.49 -8.03 4.52
CA CYS A 108 -6.46 -8.73 3.24
C CYS A 108 -7.66 -9.67 3.15
N ARG A 109 -8.44 -9.55 2.08
CA ARG A 109 -9.53 -10.50 1.86
C ARG A 109 -8.99 -11.86 1.43
N TYR A 110 -8.03 -11.87 0.51
CA TYR A 110 -7.40 -13.09 0.02
C TYR A 110 -5.89 -12.90 0.06
N VAL A 111 -5.20 -13.79 0.76
CA VAL A 111 -3.75 -13.83 0.77
C VAL A 111 -3.29 -14.92 -0.19
N HIS A 112 -2.58 -14.52 -1.23
CA HIS A 112 -2.04 -15.46 -2.22
C HIS A 112 -0.66 -15.88 -1.77
N LYS A 113 -0.58 -17.05 -1.14
CA LYS A 113 0.70 -17.57 -0.67
C LYS A 113 1.32 -18.42 -1.77
N VAL A 114 2.51 -18.04 -2.22
CA VAL A 114 3.19 -18.71 -3.32
C VAL A 114 4.49 -19.32 -2.81
N SER A 115 4.65 -20.62 -3.03
CA SER A 115 5.88 -21.33 -2.72
C SER A 115 6.46 -21.91 -4.00
N GLY A 116 7.75 -22.13 -4.00
CA GLY A 116 8.38 -22.77 -5.13
C GLY A 116 9.73 -22.18 -5.41
N THR A 117 10.18 -22.33 -6.64
CA THR A 117 11.56 -22.08 -6.99
C THR A 117 11.67 -21.10 -8.15
N GLY A 118 12.87 -20.56 -8.31
CA GLY A 118 13.20 -19.69 -9.40
C GLY A 118 14.67 -19.36 -9.37
N PRO A 119 15.18 -18.72 -10.42
CA PRO A 119 16.62 -18.39 -10.42
C PRO A 119 16.99 -17.29 -9.43
N CYS A 120 16.16 -16.28 -9.24
CA CYS A 120 16.42 -15.22 -8.26
C CYS A 120 17.78 -14.56 -8.50
N ALA A 121 17.95 -14.00 -9.69
CA ALA A 121 19.24 -13.47 -10.12
C ALA A 121 19.47 -12.05 -9.59
N GLY A 122 19.37 -11.89 -8.26
CA GLY A 122 19.49 -10.59 -7.64
C GLY A 122 19.33 -10.62 -6.13
N ASP A 123 19.95 -9.66 -5.42
CA ASP A 123 19.94 -9.73 -3.96
C ASP A 123 18.57 -9.39 -3.37
N PHE A 124 17.77 -8.58 -4.05
CA PHE A 124 16.47 -8.20 -3.52
C PHE A 124 15.47 -8.18 -4.65
N ALA A 125 14.19 -8.30 -4.28
CA ALA A 125 13.09 -8.24 -5.23
C ALA A 125 12.43 -6.87 -5.12
N PHE A 126 12.46 -6.10 -6.21
CA PHE A 126 11.88 -4.77 -6.29
C PHE A 126 10.63 -4.80 -7.17
N HIS A 127 9.90 -3.69 -7.15
CA HIS A 127 8.72 -3.51 -8.00
C HIS A 127 9.17 -2.87 -9.31
N LYS A 128 8.91 -3.56 -10.42
CA LYS A 128 9.43 -3.09 -11.71
C LYS A 128 8.81 -1.77 -12.14
N GLU A 129 7.68 -1.37 -11.57
CA GLU A 129 7.01 -0.14 -11.95
C GLU A 129 7.24 0.99 -10.96
N GLY A 130 8.08 0.77 -9.95
CA GLY A 130 8.38 1.80 -8.98
C GLY A 130 7.47 1.88 -7.79
N ALA A 131 6.44 1.02 -7.72
CA ALA A 131 5.50 1.02 -6.61
C ALA A 131 6.18 0.48 -5.34
N PHE A 132 5.43 0.48 -4.25
CA PHE A 132 5.94 -0.03 -2.98
C PHE A 132 5.26 -1.35 -2.62
N PHE A 133 5.92 -2.08 -1.73
CA PHE A 133 5.29 -3.21 -1.06
C PHE A 133 4.84 -2.70 0.31
N LEU A 134 3.54 -2.78 0.56
CA LEU A 134 2.93 -2.23 1.76
C LEU A 134 2.81 -3.31 2.82
N TYR A 135 3.43 -3.06 3.97
CA TYR A 135 3.34 -3.90 5.15
C TYR A 135 2.53 -3.14 6.20
N ASP A 136 2.60 -3.60 7.45
CA ASP A 136 1.85 -2.96 8.52
C ASP A 136 2.40 -1.58 8.85
N ARG A 137 1.92 -0.56 8.15
CA ARG A 137 2.28 0.84 8.37
C ARG A 137 3.73 1.13 8.01
N LEU A 138 4.37 0.22 7.27
CA LEU A 138 5.69 0.46 6.71
C LEU A 138 5.63 0.09 5.24
N ALA A 139 6.17 0.96 4.39
CA ALA A 139 6.25 0.72 2.96
C ALA A 139 7.70 0.45 2.57
N SER A 140 7.94 -0.67 1.87
CA SER A 140 9.28 -1.05 1.51
C SER A 140 9.45 -1.11 0.01
N THR A 141 10.69 -0.87 -0.44
CA THR A 141 11.00 -1.03 -1.85
C THR A 141 11.28 -2.49 -2.24
N VAL A 142 11.27 -3.43 -1.28
CA VAL A 142 11.63 -4.82 -1.55
C VAL A 142 10.66 -5.78 -0.86
N ILE A 143 10.67 -7.02 -1.34
CA ILE A 143 9.81 -8.08 -0.80
C ILE A 143 10.57 -8.84 0.28
N TYR A 144 9.94 -9.01 1.44
CA TYR A 144 10.47 -9.85 2.50
C TYR A 144 9.82 -11.25 2.45
N ARG A 145 10.54 -12.22 3.01
CA ARG A 145 10.14 -13.62 2.92
C ARG A 145 8.94 -13.90 3.80
N GLY A 146 7.95 -14.59 3.23
CA GLY A 146 6.82 -15.07 4.03
C GLY A 146 6.08 -13.97 4.77
N THR A 147 6.00 -12.78 4.20
CA THR A 147 5.38 -11.64 4.86
C THR A 147 4.33 -11.06 3.92
N THR A 148 3.11 -10.92 4.42
CA THR A 148 1.99 -10.54 3.57
C THR A 148 2.08 -9.05 3.21
N PHE A 149 1.94 -8.74 1.92
CA PHE A 149 2.05 -7.36 1.45
C PHE A 149 0.97 -7.07 0.42
N ALA A 150 0.65 -5.79 0.27
CA ALA A 150 -0.17 -5.29 -0.83
C ALA A 150 0.68 -4.35 -1.65
N GLU A 151 0.42 -4.31 -2.95
CA GLU A 151 1.08 -3.35 -3.83
C GLU A 151 0.43 -1.98 -3.68
N GLY A 152 1.24 -0.95 -3.48
CA GLY A 152 0.64 0.36 -3.30
C GLY A 152 1.62 1.50 -3.46
N VAL A 153 1.08 2.70 -3.26
CA VAL A 153 1.82 3.96 -3.34
C VAL A 153 1.38 4.85 -2.20
N VAL A 154 2.23 5.81 -1.85
CA VAL A 154 2.07 6.62 -0.64
C VAL A 154 1.72 8.05 -1.02
N ALA A 155 0.86 8.68 -0.22
CA ALA A 155 0.54 10.10 -0.36
C ALA A 155 0.69 10.79 0.99
N PHE A 156 0.99 12.09 0.93
CA PHE A 156 1.08 12.94 2.11
C PHE A 156 0.04 14.05 2.01
N LEU A 157 -0.58 14.38 3.13
CA LEU A 157 -1.79 15.20 3.13
C LEU A 157 -1.73 16.25 4.23
N ILE A 158 -2.39 17.38 3.98
CA ILE A 158 -2.81 18.31 5.01
C ILE A 158 -4.32 18.14 5.17
N LEU A 159 -4.75 17.69 6.34
CA LEU A 159 -6.18 17.55 6.56
C LEU A 159 -6.81 18.93 6.74
N PRO A 160 -8.08 19.09 6.33
CA PRO A 160 -8.76 20.37 6.55
C PRO A 160 -8.95 20.63 8.04
N GLN A 161 -8.78 21.88 8.44
CA GLN A 161 -8.90 22.26 9.84
C GLN A 161 -10.36 22.24 10.32
N GLY A 185 -17.43 -7.66 9.95
CA GLY A 185 -16.14 -8.03 10.52
C GLY A 185 -15.03 -8.10 9.49
N TYR A 186 -13.91 -8.73 9.85
CA TYR A 186 -12.75 -8.86 8.98
C TYR A 186 -12.44 -10.34 8.79
N TYR A 187 -12.51 -10.81 7.55
CA TYR A 187 -12.25 -12.20 7.20
C TYR A 187 -11.12 -12.25 6.19
N SER A 188 -10.26 -13.25 6.34
CA SER A 188 -9.10 -13.41 5.46
C SER A 188 -8.96 -14.89 5.11
N THR A 189 -8.65 -15.15 3.85
CA THR A 189 -8.58 -16.52 3.34
C THR A 189 -7.29 -16.71 2.55
N THR A 190 -6.54 -17.73 2.89
CA THR A 190 -5.26 -18.01 2.24
C THR A 190 -5.50 -18.88 1.02
N ILE A 191 -4.83 -18.55 -0.08
CA ILE A 191 -4.86 -19.34 -1.30
C ILE A 191 -3.43 -19.74 -1.64
N ARG A 192 -3.15 -21.03 -1.64
CA ARG A 192 -1.79 -21.54 -1.78
C ARG A 192 -1.51 -21.92 -3.23
N TYR A 193 -0.32 -21.55 -3.70
CA TYR A 193 0.15 -21.89 -5.03
C TYR A 193 1.54 -22.47 -4.95
N GLN A 194 1.85 -23.34 -5.90
CA GLN A 194 3.21 -23.80 -6.15
C GLN A 194 3.69 -23.18 -7.46
N ALA A 195 4.97 -22.86 -7.52
CA ALA A 195 5.53 -22.16 -8.66
C ALA A 195 6.92 -22.71 -9.00
N THR A 196 7.16 -22.92 -10.29
CA THR A 196 8.49 -23.21 -10.80
C THR A 196 8.91 -22.08 -11.74
N GLY A 197 10.21 -21.83 -11.79
CA GLY A 197 10.73 -20.75 -12.62
C GLY A 197 10.18 -19.40 -12.21
N PHE A 198 10.11 -19.13 -10.91
CA PHE A 198 9.55 -17.87 -10.44
C PHE A 198 10.39 -16.70 -10.93
N GLY A 199 9.72 -15.66 -11.43
CA GLY A 199 10.41 -14.47 -11.87
C GLY A 199 11.02 -14.56 -13.25
N THR A 200 10.39 -15.27 -14.18
CA THR A 200 10.95 -15.45 -15.52
C THR A 200 9.83 -15.31 -16.55
N ASN A 201 10.23 -15.41 -17.83
CA ASN A 201 9.27 -15.32 -18.93
C ASN A 201 8.35 -16.54 -18.98
N GLU A 202 8.84 -17.71 -18.55
CA GLU A 202 8.10 -18.98 -18.64
C GLU A 202 7.93 -19.56 -17.23
N THR A 203 7.01 -18.98 -16.46
CA THR A 203 6.70 -19.41 -15.10
C THR A 203 5.48 -20.31 -15.10
N GLU A 204 5.56 -21.40 -14.34
CA GLU A 204 4.45 -22.34 -14.17
C GLU A 204 3.86 -22.19 -12.78
N TYR A 205 2.54 -22.12 -12.70
CA TYR A 205 1.82 -21.98 -11.44
C TYR A 205 0.80 -23.10 -11.29
N LEU A 206 0.75 -23.68 -10.09
CA LEU A 206 -0.27 -24.64 -9.72
C LEU A 206 -1.01 -24.13 -8.51
N PHE A 207 -2.34 -24.23 -8.55
CA PHE A 207 -3.18 -23.97 -7.39
C PHE A 207 -3.31 -25.24 -6.57
N GLU A 208 -3.12 -25.13 -5.26
CA GLU A 208 -3.03 -26.30 -4.38
C GLU A 208 -4.38 -26.59 -3.74
N VAL A 209 -4.87 -27.82 -3.92
CA VAL A 209 -6.08 -28.29 -3.26
C VAL A 209 -5.75 -29.05 -1.99
N ASP A 210 -4.90 -30.07 -2.09
CA ASP A 210 -4.20 -30.65 -0.95
C ASP A 210 -2.76 -30.85 -1.37
N ASN A 211 -1.97 -31.54 -0.53
CA ASN A 211 -0.56 -31.71 -0.84
C ASN A 211 -0.31 -32.60 -2.06
N LEU A 212 -1.36 -33.20 -2.63
CA LEU A 212 -1.19 -34.07 -3.78
C LEU A 212 -2.17 -33.78 -4.92
N THR A 213 -2.98 -32.72 -4.81
CA THR A 213 -3.96 -32.39 -5.84
C THR A 213 -3.79 -30.92 -6.23
N TYR A 214 -3.53 -30.68 -7.51
CA TYR A 214 -3.26 -29.35 -8.01
C TYR A 214 -4.07 -29.06 -9.26
N VAL A 215 -4.28 -27.77 -9.54
CA VAL A 215 -5.00 -27.31 -10.72
C VAL A 215 -4.09 -26.35 -11.49
N GLN A 216 -3.98 -26.55 -12.80
CA GLN A 216 -3.17 -25.67 -13.64
C GLN A 216 -3.73 -24.26 -13.60
N LEU A 217 -2.97 -23.33 -13.05
CA LEU A 217 -3.45 -21.97 -12.85
C LEU A 217 -3.42 -21.20 -14.17
N GLU A 218 -4.43 -20.36 -14.36
CA GLU A 218 -4.48 -19.41 -15.46
C GLU A 218 -4.84 -18.03 -14.93
N SER A 219 -4.60 -17.01 -15.76
CA SER A 219 -4.82 -15.63 -15.33
C SER A 219 -6.29 -15.36 -15.06
N ARG A 220 -7.18 -15.92 -15.87
CA ARG A 220 -8.61 -15.62 -15.77
C ARG A 220 -9.24 -16.13 -14.48
N PHE A 221 -8.58 -17.03 -13.76
CA PHE A 221 -9.17 -17.60 -12.54
C PHE A 221 -9.15 -16.58 -11.42
N THR A 222 -10.33 -16.06 -11.06
CA THR A 222 -10.46 -15.11 -9.96
C THR A 222 -10.36 -15.86 -8.62
N PRO A 223 -10.11 -15.14 -7.52
CA PRO A 223 -10.05 -15.82 -6.21
C PRO A 223 -11.32 -16.58 -5.86
N GLN A 224 -12.49 -16.02 -6.17
CA GLN A 224 -13.74 -16.69 -5.83
C GLN A 224 -13.88 -17.99 -6.60
N PHE A 225 -13.44 -18.00 -7.87
CA PHE A 225 -13.55 -19.20 -8.69
C PHE A 225 -12.64 -20.32 -8.20
N LEU A 226 -11.49 -19.98 -7.63
CA LEU A 226 -10.58 -21.02 -7.13
C LEU A 226 -11.14 -21.69 -5.88
N LEU A 227 -11.76 -20.91 -4.99
CA LEU A 227 -12.37 -21.48 -3.79
C LEU A 227 -13.50 -22.43 -4.14
N GLN A 228 -14.35 -22.07 -5.11
CA GLN A 228 -15.41 -22.97 -5.56
C GLN A 228 -14.84 -24.24 -6.19
N LEU A 229 -13.76 -24.08 -6.96
CA LEU A 229 -13.10 -25.23 -7.57
C LEU A 229 -12.54 -26.15 -6.49
N ASN A 230 -12.00 -25.57 -5.41
CA ASN A 230 -11.49 -26.38 -4.31
C ASN A 230 -12.62 -27.13 -3.60
N GLU A 231 -13.73 -26.45 -3.33
CA GLU A 231 -14.83 -27.10 -2.61
C GLU A 231 -15.48 -28.18 -3.46
N THR A 232 -15.62 -27.95 -4.77
CA THR A 232 -16.22 -28.96 -5.63
C THR A 232 -15.31 -30.18 -5.81
N ILE A 233 -13.99 -29.98 -5.81
CA ILE A 233 -13.08 -31.12 -5.89
C ILE A 233 -13.14 -31.96 -4.63
N TYR A 234 -13.23 -31.31 -3.46
CA TYR A 234 -13.33 -32.03 -2.20
C TYR A 234 -14.65 -32.82 -2.11
N THR A 235 -15.76 -32.22 -2.54
CA THR A 235 -17.05 -32.87 -2.35
C THR A 235 -17.39 -33.88 -3.44
N SER A 236 -16.77 -33.76 -4.63
CA SER A 236 -17.00 -34.74 -5.69
C SER A 236 -15.98 -35.87 -5.70
N GLY A 237 -15.03 -35.87 -4.76
CA GLY A 237 -14.06 -36.95 -4.68
C GLY A 237 -12.98 -36.92 -5.72
N LYS A 238 -12.70 -35.76 -6.32
CA LYS A 238 -11.67 -35.63 -7.35
C LYS A 238 -10.29 -35.34 -6.76
N ARG A 239 -10.12 -35.50 -5.45
CA ARG A 239 -8.78 -35.47 -4.87
C ARG A 239 -8.06 -36.78 -5.18
N SER A 240 -6.73 -36.70 -5.16
CA SER A 240 -5.92 -37.89 -5.41
C SER A 240 -6.15 -38.94 -4.34
N ASN A 241 -6.54 -40.15 -4.75
CA ASN A 241 -6.61 -41.29 -3.84
C ASN A 241 -5.43 -42.25 -4.01
N THR A 242 -4.31 -41.75 -4.50
CA THR A 242 -3.06 -42.49 -4.53
C THR A 242 -2.02 -41.73 -3.71
N THR A 243 -0.77 -42.18 -3.79
CA THR A 243 0.34 -41.50 -3.12
C THR A 243 1.02 -40.47 -4.00
N GLY A 244 0.59 -40.36 -5.27
CA GLY A 244 1.24 -39.49 -6.23
C GLY A 244 0.45 -38.22 -6.53
N LYS A 245 1.08 -37.37 -7.33
CA LYS A 245 0.61 -36.01 -7.57
C LYS A 245 -0.43 -36.00 -8.69
N LEU A 246 -1.59 -35.42 -8.42
CA LEU A 246 -2.67 -35.30 -9.38
C LEU A 246 -2.84 -33.84 -9.78
N ILE A 247 -2.90 -33.60 -11.10
CA ILE A 247 -2.94 -32.24 -11.65
C ILE A 247 -4.11 -32.15 -12.63
N TRP A 248 -5.03 -31.23 -12.39
CA TRP A 248 -6.19 -31.03 -13.26
C TRP A 248 -5.97 -29.83 -14.18
N LYS A 249 -6.58 -29.88 -15.36
CA LYS A 249 -6.72 -28.72 -16.22
C LYS A 249 -8.22 -28.45 -16.39
N VAL A 250 -8.58 -27.16 -16.41
CA VAL A 250 -9.99 -26.75 -16.49
C VAL A 250 -10.29 -26.33 -17.91
N ASN A 251 -11.38 -26.86 -18.48
CA ASN A 251 -11.82 -26.46 -19.80
C ASN A 251 -12.24 -24.98 -19.79
N PRO A 252 -12.19 -24.31 -20.94
CA PRO A 252 -12.43 -22.86 -20.97
C PRO A 252 -13.82 -22.42 -20.51
N GLU A 253 -14.77 -23.35 -20.36
CA GLU A 253 -16.14 -23.00 -19.98
C GLU A 253 -16.23 -22.30 -18.62
N TRP A 261 -13.64 -6.39 -15.88
CA TRP A 261 -14.36 -5.99 -14.68
C TRP A 261 -13.47 -5.96 -13.45
N ALA A 262 -13.59 -4.88 -12.67
CA ALA A 262 -12.87 -4.75 -11.41
C ALA A 262 -13.60 -5.50 -10.31
N PHE A 263 -12.87 -5.78 -9.22
CA PHE A 263 -13.43 -6.58 -8.14
C PHE A 263 -14.53 -5.82 -7.39
N TRP A 264 -14.48 -4.49 -7.36
CA TRP A 264 -15.48 -3.72 -6.63
C TRP A 264 -16.74 -3.44 -7.44
N GLU A 265 -16.76 -3.78 -8.72
CA GLU A 265 -17.90 -3.50 -9.59
C GLU A 265 -18.49 -4.79 -10.16
N UNK A 286 -1.78 -35.91 -14.97
CA UNK A 286 -2.63 -34.85 -15.53
C UNK A 286 -4.07 -35.35 -15.73
N UNK A 287 -4.93 -34.44 -16.19
CA UNK A 287 -6.35 -34.72 -16.41
C UNK A 287 -7.05 -33.48 -16.94
N UNK A 288 -8.38 -33.54 -17.04
CA UNK A 288 -9.19 -32.41 -17.49
C UNK A 288 -10.51 -32.35 -16.73
N UNK A 289 -11.28 -31.29 -16.95
CA UNK A 289 -12.57 -31.13 -16.29
C UNK A 289 -13.40 -30.06 -17.01
N UNK A 290 -14.59 -30.44 -17.46
CA UNK A 290 -15.44 -29.53 -18.21
C UNK A 290 -16.87 -29.54 -17.68
N GLU B 1 -0.61 22.88 -8.64
CA GLU B 1 -1.26 22.29 -9.79
C GLU B 1 -2.46 21.43 -9.38
N ALA B 2 -3.40 21.22 -10.28
CA ALA B 2 -4.58 20.41 -10.01
C ALA B 2 -4.30 18.94 -10.27
N ILE B 3 -5.15 18.09 -9.69
CA ILE B 3 -4.98 16.63 -9.75
C ILE B 3 -5.85 16.06 -10.85
N VAL B 4 -5.20 15.43 -11.84
CA VAL B 4 -5.87 14.85 -12.99
C VAL B 4 -5.72 13.33 -12.88
N ASN B 5 -6.76 12.63 -12.44
CA ASN B 5 -6.67 11.18 -12.40
C ASN B 5 -6.58 10.63 -13.83
N ALA B 6 -5.54 9.85 -14.10
CA ALA B 6 -5.25 9.33 -15.43
C ALA B 6 -4.98 7.83 -15.40
N GLN B 7 -5.61 7.09 -14.40
CA GLN B 7 -5.56 5.66 -14.17
C GLN B 7 -6.62 4.95 -14.99
N PRO B 8 -6.39 3.69 -15.37
CA PRO B 8 -7.39 2.95 -16.16
C PRO B 8 -8.73 2.82 -15.46
N LYS B 9 -8.73 2.72 -14.13
CA LYS B 9 -9.96 2.65 -13.35
C LYS B 9 -9.73 3.35 -12.03
N CYS B 10 -10.82 3.59 -11.30
CA CYS B 10 -10.76 4.22 -9.98
C CYS B 10 -11.83 3.58 -9.11
N ASN B 11 -11.41 2.96 -8.02
CA ASN B 11 -12.38 2.55 -7.02
C ASN B 11 -12.83 3.79 -6.27
N PRO B 12 -14.08 4.25 -6.43
CA PRO B 12 -14.48 5.53 -5.83
C PRO B 12 -14.72 5.47 -4.34
N ASN B 13 -14.84 4.29 -3.77
CA ASN B 13 -15.03 4.13 -2.32
C ASN B 13 -13.72 3.71 -1.67
N LEU B 14 -13.44 4.32 -0.53
CA LEU B 14 -12.20 4.07 0.20
C LEU B 14 -12.56 3.45 1.55
N HIS B 15 -12.39 2.14 1.64
CA HIS B 15 -12.56 1.41 2.89
C HIS B 15 -11.20 1.33 3.56
N TYR B 16 -11.00 2.12 4.62
CA TYR B 16 -9.66 2.33 5.15
C TYR B 16 -9.50 1.79 6.57
N TRP B 17 -8.24 1.62 6.97
CA TRP B 17 -7.86 1.25 8.31
C TRP B 17 -6.79 2.22 8.79
N THR B 18 -6.78 2.49 10.10
CA THR B 18 -5.71 3.27 10.71
C THR B 18 -5.69 3.00 12.21
N THR B 19 -4.88 3.76 12.93
CA THR B 19 -4.81 3.76 14.39
C THR B 19 -5.21 5.13 14.92
N GLN B 20 -5.29 5.24 16.24
CA GLN B 20 -5.51 6.53 16.89
C GLN B 20 -4.64 6.60 18.14
N ASP B 21 -3.92 7.72 18.30
CA ASP B 21 -3.04 7.89 19.45
C ASP B 21 -3.80 8.34 20.69
N GLU B 22 -4.89 9.09 20.50
CA GLU B 22 -5.71 9.59 21.61
C GLU B 22 -6.94 8.72 21.81
N GLY B 23 -6.78 7.39 21.71
CA GLY B 23 -7.88 6.48 21.94
C GLY B 23 -8.46 6.61 23.33
N ALA B 24 -9.76 6.87 23.43
CA ALA B 24 -10.42 6.92 24.74
C ALA B 24 -10.50 5.51 25.32
N ALA B 25 -9.47 5.12 26.08
CA ALA B 25 -9.39 3.75 26.58
C ALA B 25 -10.41 3.50 27.69
N ILE B 26 -10.98 2.31 27.69
CA ILE B 26 -11.97 1.91 28.68
C ILE B 26 -11.29 1.02 29.71
N GLY B 27 -11.27 1.47 30.97
CA GLY B 27 -10.67 0.69 32.04
C GLY B 27 -9.17 0.54 31.93
N LEU B 28 -8.70 -0.70 31.78
CA LEU B 28 -7.28 -1.01 31.82
C LEU B 28 -6.71 -1.44 30.47
N ALA B 29 -7.43 -1.22 29.37
CA ALA B 29 -6.98 -1.70 28.07
C ALA B 29 -5.81 -0.91 27.51
N TRP B 30 -5.41 0.21 28.12
CA TRP B 30 -4.24 0.93 27.66
C TRP B 30 -2.95 0.26 28.11
N ILE B 31 -2.97 -0.50 29.20
CA ILE B 31 -1.84 -1.28 29.67
C ILE B 31 -1.45 -2.30 28.61
N PRO B 32 -0.21 -2.28 28.10
CA PRO B 32 0.20 -3.27 27.09
C PRO B 32 -0.11 -4.72 27.48
N TYR B 33 0.15 -5.09 28.73
CA TYR B 33 -0.07 -6.47 29.17
C TYR B 33 -1.53 -6.89 28.97
N PHE B 34 -2.48 -5.98 29.19
CA PHE B 34 -3.90 -6.30 29.05
C PHE B 34 -4.51 -5.86 27.73
N GLY B 35 -3.81 -5.03 26.95
CA GLY B 35 -4.40 -4.42 25.79
C GLY B 35 -4.54 -5.39 24.63
N PRO B 36 -5.01 -4.87 23.49
CA PRO B 36 -5.19 -5.73 22.32
C PRO B 36 -3.86 -6.17 21.72
N ALA B 37 -3.91 -7.32 21.04
CA ALA B 37 -2.78 -7.82 20.29
C ALA B 37 -2.49 -6.91 19.10
N ALA B 38 -1.42 -7.23 18.36
CA ALA B 38 -1.03 -6.42 17.22
C ALA B 38 -2.13 -6.31 16.18
N GLU B 39 -2.95 -7.35 16.03
CA GLU B 39 -3.97 -7.40 14.99
C GLU B 39 -5.22 -6.58 15.32
N GLY B 40 -5.38 -6.15 16.57
CA GLY B 40 -6.61 -5.49 16.99
C GLY B 40 -6.47 -4.05 17.41
N ILE B 41 -5.43 -3.38 16.93
CA ILE B 41 -5.17 -1.99 17.27
C ILE B 41 -5.76 -1.04 16.25
N TYR B 42 -6.56 -1.55 15.31
CA TYR B 42 -6.98 -0.79 14.14
C TYR B 42 -8.42 -0.32 14.27
N ILE B 43 -8.69 0.87 13.74
CA ILE B 43 -10.05 1.35 13.53
C ILE B 43 -10.32 1.33 12.04
N GLU B 44 -11.59 1.34 11.66
CA GLU B 44 -11.97 1.30 10.25
C GLU B 44 -12.93 2.44 9.91
N GLY B 45 -13.02 2.73 8.62
CA GLY B 45 -13.91 3.77 8.12
C GLY B 45 -14.14 3.60 6.64
N LEU B 46 -15.11 4.36 6.14
CA LEU B 46 -15.50 4.31 4.73
C LEU B 46 -15.74 5.72 4.22
N MET B 47 -15.07 6.10 3.14
CA MET B 47 -15.17 7.45 2.59
C MET B 47 -15.50 7.39 1.11
N HIS B 48 -16.52 8.14 0.70
CA HIS B 48 -17.00 8.12 -0.67
C HIS B 48 -16.35 9.25 -1.48
N ASN B 49 -16.69 9.31 -2.77
CA ASN B 49 -16.02 10.18 -3.74
C ASN B 49 -16.64 11.57 -3.81
N GLN B 50 -17.14 12.09 -2.70
CA GLN B 50 -17.58 13.48 -2.67
C GLN B 50 -16.40 14.39 -3.00
N ASP B 51 -16.66 15.41 -3.84
CA ASP B 51 -15.64 16.30 -4.39
C ASP B 51 -14.56 15.55 -5.18
N GLY B 52 -14.84 14.31 -5.58
CA GLY B 52 -13.87 13.51 -6.28
C GLY B 52 -12.58 13.29 -5.52
N LEU B 53 -12.61 13.36 -4.18
CA LEU B 53 -11.37 13.31 -3.40
C LEU B 53 -10.73 11.92 -3.46
N ILE B 54 -11.54 10.86 -3.52
CA ILE B 54 -10.99 9.51 -3.52
C ILE B 54 -10.17 9.27 -4.78
N CYS B 55 -10.78 9.49 -5.94
CA CYS B 55 -10.04 9.36 -7.19
C CYS B 55 -8.82 10.29 -7.20
N GLY B 56 -8.98 11.50 -6.65
CA GLY B 56 -7.83 12.41 -6.54
C GLY B 56 -6.70 11.84 -5.71
N LEU B 57 -7.03 11.21 -4.58
CA LEU B 57 -6.02 10.62 -3.69
C LEU B 57 -5.23 9.52 -4.40
N ARG B 58 -5.93 8.64 -5.11
CA ARG B 58 -5.24 7.60 -5.86
C ARG B 58 -4.27 8.22 -6.86
N GLN B 59 -4.70 9.26 -7.58
CA GLN B 59 -3.79 9.92 -8.50
C GLN B 59 -2.66 10.61 -7.76
N LEU B 60 -2.95 11.19 -6.58
CA LEU B 60 -1.91 11.89 -5.83
C LEU B 60 -0.81 10.94 -5.38
N ALA B 61 -1.17 9.76 -4.86
CA ALA B 61 -0.14 8.82 -4.43
C ALA B 61 0.68 8.31 -5.60
N ASN B 62 0.06 8.14 -6.77
CA ASN B 62 0.80 7.74 -7.96
C ASN B 62 1.86 8.77 -8.30
N GLU B 63 1.49 10.06 -8.30
CA GLU B 63 2.42 11.12 -8.67
C GLU B 63 3.46 11.41 -7.60
N THR B 64 3.23 10.96 -6.37
CA THR B 64 4.21 11.15 -5.31
C THR B 64 5.37 10.16 -5.41
N THR B 65 5.18 9.07 -6.16
CA THR B 65 6.12 7.96 -6.08
C THR B 65 7.51 8.35 -6.53
N GLN B 66 7.61 9.11 -7.64
CA GLN B 66 8.91 9.44 -8.17
C GLN B 66 9.71 10.29 -7.19
N ALA B 67 9.13 11.41 -6.76
CA ALA B 67 9.81 12.27 -5.79
C ALA B 67 10.16 11.49 -4.52
N LEU B 68 9.22 10.65 -4.04
CA LEU B 68 9.48 9.92 -2.80
C LEU B 68 10.59 8.88 -2.99
N GLN B 69 10.62 8.18 -4.13
CA GLN B 69 11.71 7.22 -4.37
C GLN B 69 13.06 7.93 -4.42
N LEU B 70 13.14 9.07 -5.09
CA LEU B 70 14.42 9.78 -5.18
C LEU B 70 14.89 10.28 -3.81
N PHE B 71 13.95 10.63 -2.93
CA PHE B 71 14.31 10.98 -1.57
C PHE B 71 14.90 9.80 -0.83
N LEU B 72 14.34 8.60 -1.02
CA LEU B 72 14.80 7.41 -0.30
C LEU B 72 16.13 6.90 -0.86
N ARG B 73 16.39 7.12 -2.14
CA ARG B 73 17.70 6.79 -2.68
C ARG B 73 18.81 7.61 -2.00
N ALA B 74 18.53 8.88 -1.71
CA ALA B 74 19.53 9.80 -1.23
C ALA B 74 19.74 9.76 0.27
N THR B 75 18.85 9.12 1.02
CA THR B 75 19.00 9.00 2.46
C THR B 75 19.75 7.73 2.82
N THR B 76 20.52 7.80 3.90
CA THR B 76 21.16 6.62 4.47
C THR B 76 20.31 5.95 5.52
N GLU B 77 19.22 6.59 5.93
CA GLU B 77 18.37 6.06 6.99
C GLU B 77 17.62 4.83 6.49
N LEU B 78 17.66 3.75 7.28
CA LEU B 78 17.02 2.51 6.82
C LEU B 78 15.50 2.65 6.81
N ARG B 79 14.92 3.23 7.86
CA ARG B 79 13.48 3.48 7.94
C ARG B 79 13.25 4.95 8.24
N THR B 80 12.51 5.63 7.36
CA THR B 80 12.27 7.06 7.48
C THR B 80 10.92 7.31 8.13
N PHE B 81 10.93 8.03 9.25
CA PHE B 81 9.72 8.49 9.93
C PHE B 81 9.62 10.01 10.00
N SER B 82 10.53 10.76 9.39
CA SER B 82 10.67 12.19 9.67
C SER B 82 10.06 13.10 8.61
N ILE B 83 9.47 12.53 7.55
CA ILE B 83 9.03 13.35 6.41
C ILE B 83 7.99 14.37 6.84
N LEU B 84 6.95 13.93 7.56
CA LEU B 84 5.88 14.85 7.92
C LEU B 84 6.38 15.94 8.87
N ASN B 85 7.17 15.57 9.87
CA ASN B 85 7.72 16.59 10.77
C ASN B 85 8.55 17.61 9.99
N ARG B 86 9.37 17.13 9.05
CA ARG B 86 10.17 18.05 8.26
C ARG B 86 9.31 18.97 7.41
N LYS B 87 8.12 18.49 7.00
CA LYS B 87 7.23 19.36 6.24
C LYS B 87 6.57 20.40 7.13
N ALA B 88 6.31 20.08 8.39
CA ALA B 88 5.83 21.09 9.32
C ALA B 88 6.89 22.15 9.56
N ILE B 89 8.16 21.73 9.68
CA ILE B 89 9.23 22.71 9.85
C ILE B 89 9.33 23.62 8.62
N ASP B 90 9.26 23.03 7.42
CA ASP B 90 9.36 23.83 6.21
C ASP B 90 8.16 24.77 6.06
N PHE B 91 6.99 24.34 6.54
CA PHE B 91 5.83 25.22 6.54
C PHE B 91 6.11 26.48 7.36
N LEU B 92 6.66 26.31 8.57
CA LEU B 92 6.98 27.46 9.41
C LEU B 92 8.10 28.31 8.82
N LEU B 93 9.15 27.69 8.30
CA LEU B 93 10.26 28.46 7.75
C LEU B 93 9.85 29.27 6.52
N GLN B 94 8.93 28.75 5.70
CA GLN B 94 8.44 29.49 4.54
C GLN B 94 7.78 30.80 4.96
N ARG B 95 7.17 30.82 6.15
CA ARG B 95 6.42 31.98 6.64
C ARG B 95 7.21 32.81 7.64
N TRP B 96 7.96 32.17 8.53
CA TRP B 96 8.61 32.86 9.64
C TRP B 96 10.11 32.72 9.63
N GLY B 97 10.71 32.26 8.54
CA GLY B 97 12.14 32.11 8.49
C GLY B 97 12.91 33.36 8.15
N GLY B 98 12.24 34.51 8.03
CA GLY B 98 12.91 35.76 7.78
C GLY B 98 12.13 36.87 8.45
N THR B 99 12.60 38.10 8.25
CA THR B 99 11.88 39.26 8.77
C THR B 99 10.52 39.35 8.08
N CYS B 100 9.48 39.53 8.89
CA CYS B 100 8.11 39.58 8.40
C CYS B 100 7.74 41.04 8.12
N HIS B 101 7.67 41.40 6.83
CA HIS B 101 7.31 42.77 6.45
C HIS B 101 5.79 42.87 6.39
N ILE B 102 5.21 43.60 7.34
CA ILE B 102 3.75 43.70 7.43
C ILE B 102 3.17 44.28 6.15
N LEU B 103 2.06 43.69 5.69
CA LEU B 103 1.35 43.99 4.45
C LEU B 103 2.11 43.56 3.20
N GLY B 104 3.16 42.75 3.37
CA GLY B 104 3.84 42.16 2.24
C GLY B 104 3.21 40.84 1.85
N PRO B 105 3.58 40.30 0.68
CA PRO B 105 2.98 39.04 0.23
C PRO B 105 3.49 37.81 0.94
N ASP B 106 4.68 37.85 1.56
CA ASP B 106 5.26 36.69 2.22
C ASP B 106 5.29 36.86 3.74
N CYS B 107 4.32 37.59 4.28
CA CYS B 107 4.21 37.82 5.72
C CYS B 107 2.75 37.68 6.12
N CYS B 108 2.45 36.66 6.91
CA CYS B 108 1.06 36.35 7.28
C CYS B 108 0.67 36.99 8.61
N ILE B 109 0.72 38.32 8.63
CA ILE B 109 0.29 39.11 9.77
C ILE B 109 -0.85 40.03 9.32
N GLU B 110 -2.00 39.88 9.96
CA GLU B 110 -3.17 40.72 9.67
C GLU B 110 -3.17 41.91 10.61
N PRO B 111 -2.93 43.13 10.12
CA PRO B 111 -2.87 44.29 11.03
C PRO B 111 -4.17 45.05 11.12
N ALA B 112 -5.27 44.43 10.68
CA ALA B 112 -6.53 45.16 10.52
C ALA B 112 -7.05 45.67 11.86
N ASP B 113 -7.11 44.78 12.86
CA ASP B 113 -7.66 45.17 14.16
C ASP B 113 -6.80 46.23 14.84
N TRP B 114 -5.48 46.13 14.70
CA TRP B 114 -4.60 47.18 15.22
C TRP B 114 -4.73 48.46 14.41
N THR B 115 -5.05 48.34 13.11
CA THR B 115 -5.30 49.53 12.31
C THR B 115 -6.62 50.19 12.70
N LYS B 116 -7.64 49.38 13.02
CA LYS B 116 -8.92 49.93 13.45
C LYS B 116 -8.84 50.47 14.87
N ASN B 117 -8.06 49.81 15.74
CA ASN B 117 -7.84 50.34 17.09
C ASN B 117 -7.10 51.67 17.04
N ILE B 118 -6.31 51.91 15.99
CA ILE B 118 -5.67 53.20 15.81
C ILE B 118 -6.66 54.23 15.28
N THR B 119 -7.65 53.80 14.48
CA THR B 119 -8.62 54.73 13.94
C THR B 119 -9.55 55.29 15.01
N ASP B 120 -9.87 54.48 16.03
CA ASP B 120 -10.75 54.94 17.10
C ASP B 120 -10.11 56.06 17.91
N LYS B 121 -8.78 56.08 18.02
CA LYS B 121 -8.09 57.13 18.76
C LYS B 121 -8.04 58.43 17.97
#